data_3PL3
#
_entry.id   3PL3
#
_cell.length_a   74.204
_cell.length_b   74.204
_cell.length_c   175.457
_cell.angle_alpha   90.00
_cell.angle_beta   90.00
_cell.angle_gamma   90.00
#
_symmetry.space_group_name_H-M   'P 41 21 2'
#
loop_
_entity.id
_entity.type
_entity.pdbx_description
1 polymer 'Cellobiohydrolase 1 catalytic domain'
2 branched beta-D-mannopyranose-(1-4)-2-acetamido-2-deoxy-beta-D-glucopyranose-(1-4)-2-acetamido-2-deoxy-beta-D-glucopyranose
3 branched 2-acetamido-2-deoxy-beta-D-glucopyranose-(1-4)-2-acetamido-2-deoxy-beta-D-glucopyranose
4 branched beta-D-glucopyranose-(1-4)-beta-D-glucopyranose-(1-4)-beta-D-glucopyranose-(1-4)-beta-D-glucopyranose-(1-4)-beta-D-glucopyranose
5 branched beta-D-glucopyranose-(1-4)-beta-D-glucopyranose-(1-4)-beta-D-glucopyranose
6 non-polymer 'SULFATE ION'
7 water water
#
_entity_poly.entity_id   1
_entity_poly.type   'polypeptide(L)'
_entity_poly.pdbx_seq_one_letter_code
;(PCA)QAGTATAENHPPLTWQECTAPGSCTTQNGAVVLDANWRWVHDVNGYTNCYTGNTWDPTYCPDDETCAQNCALDGA
DYEGTYGVTSSGSSLKLNFVTGSNVGSRLYLLQDDSTYQIFKLLNREFSFDVDVSNLPCGLNGALYFVAMDADGGVSKYP
NNKAGAKYGTGYCDSQCPRDLKFIDGEANVEGWQPSSNNANTGIGDHGSCCAEMDVWEANSISNAVTPHPCDTPGQTMCS
GDDCGGTYSNDRYAGTCDPDGCDFNPYRMGNTSFYGPGKIIDTTKPFTVVTQFLTDDGTDTGTLSEIKRFYIQNSNVIPQ
PNSDISGVTGNSITTEFCTAQKQAFGDTDDFSQHGGLAKMGAAMQQGMVLVMSLWDDYAAQMLWLDSDYPTDADPTTPGI
ARGTCPTDSGVPSDVESQSPNSYVTYSNIKFGPINSTFTAS
;
_entity_poly.pdbx_strand_id   A
#
# COMPACT_ATOMS: atom_id res chain seq x y z
N GLN A 2 -4.26 -21.89 -10.38
CA GLN A 2 -5.53 -22.56 -10.18
C GLN A 2 -6.08 -22.19 -8.82
N ALA A 3 -7.37 -22.46 -8.62
CA ALA A 3 -8.01 -22.26 -7.34
C ALA A 3 -7.92 -23.59 -6.59
N GLY A 4 -7.16 -23.58 -5.51
CA GLY A 4 -6.98 -24.79 -4.72
C GLY A 4 -8.16 -25.13 -3.84
N THR A 5 -8.21 -26.39 -3.42
CA THR A 5 -9.33 -26.90 -2.63
C THR A 5 -8.92 -27.49 -1.27
N ALA A 6 -7.64 -27.48 -0.94
CA ALA A 6 -7.13 -28.10 0.29
C ALA A 6 -7.40 -27.32 1.59
N THR A 7 -7.44 -25.99 1.50
CA THR A 7 -7.76 -25.16 2.66
C THR A 7 -8.90 -24.24 2.28
N ALA A 8 -9.94 -24.24 3.09
CA ALA A 8 -11.11 -23.45 2.75
C ALA A 8 -10.81 -21.96 2.76
N GLU A 9 -11.44 -21.23 1.86
CA GLU A 9 -11.33 -19.76 1.80
C GLU A 9 -12.66 -19.12 2.16
N ASN A 10 -12.62 -18.21 3.12
CA ASN A 10 -13.76 -17.42 3.54
C ASN A 10 -13.23 -16.02 3.82
N HIS A 11 -13.85 -15.01 3.21
CA HIS A 11 -13.34 -13.65 3.31
C HIS A 11 -13.91 -12.97 4.56
N PRO A 12 -13.05 -12.45 5.43
CA PRO A 12 -13.61 -11.72 6.58
C PRO A 12 -14.48 -10.54 6.14
N PRO A 13 -15.63 -10.36 6.79
CA PRO A 13 -16.49 -9.24 6.43
C PRO A 13 -15.95 -7.92 6.96
N LEU A 14 -16.27 -6.83 6.29
CA LEU A 14 -15.90 -5.50 6.74
C LEU A 14 -16.93 -4.51 6.18
N THR A 15 -17.61 -3.77 7.07
CA THR A 15 -18.52 -2.73 6.60
C THR A 15 -17.75 -1.44 6.37
N TRP A 16 -18.33 -0.61 5.51
CA TRP A 16 -17.82 0.72 5.26
C TRP A 16 -19.00 1.58 4.83
N GLN A 17 -18.82 2.90 4.72
CA GLN A 17 -19.94 3.80 4.42
C GLN A 17 -19.70 4.64 3.19
N GLU A 18 -20.80 4.84 2.45
CA GLU A 18 -20.90 5.84 1.39
C GLU A 18 -21.72 6.99 1.89
N CYS A 19 -21.22 8.21 1.75
CA CYS A 19 -21.92 9.40 2.24
C CYS A 19 -22.31 10.29 1.06
N THR A 20 -23.44 10.96 1.18
CA THR A 20 -23.87 11.90 0.16
C THR A 20 -23.73 13.34 0.61
N ALA A 21 -23.64 13.54 1.92
CA ALA A 21 -23.53 14.86 2.54
C ALA A 21 -23.14 14.61 3.98
N PRO A 22 -22.70 15.66 4.71
CA PRO A 22 -22.27 15.40 6.09
C PRO A 22 -23.39 14.81 6.92
N GLY A 23 -23.11 13.72 7.62
CA GLY A 23 -24.08 13.10 8.48
C GLY A 23 -25.10 12.24 7.75
N SER A 24 -24.93 12.05 6.44
CA SER A 24 -25.90 11.33 5.62
C SER A 24 -25.15 10.23 4.88
N CYS A 25 -25.09 9.06 5.52
CA CYS A 25 -24.26 7.96 5.01
C CYS A 25 -25.04 6.67 5.09
N THR A 26 -24.68 5.71 4.26
CA THR A 26 -25.30 4.40 4.25
C THR A 26 -24.22 3.32 4.24
N THR A 27 -24.57 2.16 4.76
CA THR A 27 -23.59 1.11 5.00
C THR A 27 -23.50 0.14 3.86
N GLN A 28 -22.26 -0.16 3.49
CA GLN A 28 -21.92 -1.19 2.52
CA GLN A 28 -21.89 -1.16 2.51
C GLN A 28 -21.34 -2.37 3.26
N ASN A 29 -21.76 -3.57 2.88
CA ASN A 29 -21.29 -4.80 3.50
C ASN A 29 -20.17 -5.41 2.67
N GLY A 30 -18.95 -4.92 2.93
CA GLY A 30 -17.78 -5.38 2.19
C GLY A 30 -17.15 -6.61 2.82
N ALA A 31 -15.98 -6.97 2.32
CA ALA A 31 -15.20 -8.06 2.86
C ALA A 31 -13.77 -7.81 2.41
N VAL A 32 -12.83 -8.54 2.98
CA VAL A 32 -11.44 -8.42 2.55
C VAL A 32 -10.85 -9.78 2.19
N VAL A 33 -9.82 -9.73 1.35
CA VAL A 33 -9.15 -10.94 0.89
C VAL A 33 -7.65 -10.77 0.95
N LEU A 34 -6.95 -11.82 1.37
CA LEU A 34 -5.50 -11.83 1.50
C LEU A 34 -4.84 -11.98 0.14
N ASP A 35 -3.79 -11.20 -0.07
CA ASP A 35 -2.96 -11.29 -1.26
C ASP A 35 -2.40 -12.70 -1.49
N ALA A 36 -2.35 -13.07 -2.77
CA ALA A 36 -1.92 -14.38 -3.21
C ALA A 36 -0.55 -14.80 -2.69
N ASN A 37 0.40 -13.87 -2.52
CA ASN A 37 1.75 -14.26 -2.14
C ASN A 37 1.84 -14.91 -0.77
N TRP A 38 0.85 -14.70 0.10
CA TRP A 38 0.85 -15.29 1.43
C TRP A 38 0.38 -16.73 1.45
N ARG A 39 -0.17 -17.21 0.35
CA ARG A 39 -0.89 -18.49 0.32
C ARG A 39 0.01 -19.68 -0.01
N TRP A 40 -0.36 -20.85 0.51
CA TRP A 40 0.17 -22.11 0.01
C TRP A 40 -0.08 -22.25 -1.48
N VAL A 41 0.96 -22.64 -2.21
CA VAL A 41 0.87 -22.91 -3.64
C VAL A 41 1.28 -24.36 -3.85
N HIS A 42 0.41 -25.16 -4.44
CA HIS A 42 0.73 -26.57 -4.55
C HIS A 42 0.10 -27.21 -5.77
N ASP A 43 0.51 -28.44 -6.03
CA ASP A 43 0.02 -29.24 -7.13
C ASP A 43 -1.49 -29.25 -7.14
N VAL A 44 -2.07 -28.93 -8.29
CA VAL A 44 -3.52 -28.85 -8.40
C VAL A 44 -4.15 -30.22 -8.23
N ASN A 45 -3.36 -31.27 -8.42
CA ASN A 45 -3.88 -32.63 -8.31
C ASN A 45 -3.50 -33.31 -7.00
N GLY A 46 -2.98 -32.53 -6.05
CA GLY A 46 -2.51 -33.08 -4.79
C GLY A 46 -2.18 -32.03 -3.75
N TYR A 47 -1.17 -32.31 -2.95
CA TYR A 47 -0.84 -31.47 -1.81
C TYR A 47 0.64 -31.11 -1.77
N THR A 48 1.38 -31.50 -2.79
CA THR A 48 2.81 -31.22 -2.79
C THR A 48 3.04 -29.77 -3.17
N ASN A 49 3.88 -29.09 -2.41
CA ASN A 49 4.16 -27.69 -2.72
C ASN A 49 4.77 -27.49 -4.08
N CYS A 50 4.32 -26.45 -4.77
CA CYS A 50 5.07 -25.93 -5.92
C CYS A 50 6.17 -24.97 -5.52
N TYR A 51 6.00 -24.34 -4.36
CA TYR A 51 6.91 -23.34 -3.84
C TYR A 51 7.06 -23.61 -2.34
N THR A 52 8.30 -23.71 -1.88
CA THR A 52 8.61 -23.91 -0.47
C THR A 52 9.79 -23.02 -0.10
N GLY A 53 9.68 -22.28 0.99
CA GLY A 53 10.73 -21.36 1.38
C GLY A 53 10.81 -20.28 0.33
N ASN A 54 11.89 -20.29 -0.45
CA ASN A 54 11.95 -19.42 -1.61
C ASN A 54 12.38 -20.12 -2.88
N THR A 55 12.01 -21.39 -2.95
CA THR A 55 12.37 -22.26 -4.05
C THR A 55 11.16 -22.84 -4.77
N TRP A 56 11.14 -22.73 -6.09
CA TRP A 56 10.13 -23.41 -6.88
C TRP A 56 10.53 -24.87 -7.14
N ASP A 57 9.56 -25.76 -7.19
CA ASP A 57 9.85 -27.16 -7.46
C ASP A 57 9.73 -27.42 -8.96
N PRO A 58 10.83 -27.78 -9.63
CA PRO A 58 10.80 -27.95 -11.09
C PRO A 58 9.89 -29.08 -11.54
N THR A 59 9.53 -30.00 -10.66
CA THR A 59 8.60 -31.07 -11.02
C THR A 59 7.29 -30.46 -11.53
N TYR A 60 6.81 -29.42 -10.85
CA TYR A 60 5.55 -28.77 -11.22
C TYR A 60 5.78 -27.52 -12.03
N CYS A 61 6.94 -26.91 -11.85
CA CYS A 61 7.20 -25.58 -12.39
C CYS A 61 8.47 -25.53 -13.21
N PRO A 62 8.50 -26.26 -14.33
CA PRO A 62 9.68 -26.22 -15.19
C PRO A 62 9.76 -24.92 -16.02
N ASP A 63 8.64 -24.19 -16.09
CA ASP A 63 8.57 -22.91 -16.77
C ASP A 63 7.34 -22.18 -16.21
N ASP A 64 7.18 -20.91 -16.55
CA ASP A 64 6.17 -20.05 -15.92
C ASP A 64 4.76 -20.51 -16.23
N GLU A 65 4.53 -20.92 -17.47
CA GLU A 65 3.20 -21.30 -17.93
C GLU A 65 2.79 -22.65 -17.32
N THR A 66 3.68 -23.63 -17.41
CA THR A 66 3.37 -24.94 -16.88
C THR A 66 3.08 -24.84 -15.38
N CYS A 67 3.89 -24.05 -14.68
CA CYS A 67 3.70 -23.85 -13.26
C CYS A 67 2.29 -23.32 -12.97
N ALA A 68 1.86 -22.29 -13.70
CA ALA A 68 0.53 -21.72 -13.49
C ALA A 68 -0.58 -22.72 -13.79
N GLN A 69 -0.36 -23.58 -14.77
CA GLN A 69 -1.33 -24.60 -15.08
C GLN A 69 -1.36 -25.70 -14.01
N ASN A 70 -0.21 -25.97 -13.41
CA ASN A 70 -0.06 -27.13 -12.51
C ASN A 70 -0.28 -26.81 -11.05
N CYS A 71 -0.28 -25.51 -10.71
CA CYS A 71 -0.25 -25.09 -9.31
C CYS A 71 -1.45 -24.24 -8.94
N ALA A 72 -1.92 -24.44 -7.71
CA ALA A 72 -3.09 -23.79 -7.17
C ALA A 72 -2.74 -22.95 -5.94
N LEU A 73 -3.41 -21.81 -5.83
CA LEU A 73 -3.36 -20.98 -4.64
C LEU A 73 -4.40 -21.52 -3.69
N ASP A 74 -4.07 -21.67 -2.43
CA ASP A 74 -5.09 -22.22 -1.57
C ASP A 74 -5.62 -21.22 -0.54
N GLY A 75 -6.59 -21.66 0.22
CA GLY A 75 -7.29 -20.80 1.16
C GLY A 75 -6.43 -20.39 2.31
N ALA A 76 -6.94 -19.42 3.08
CA ALA A 76 -6.21 -18.80 4.18
C ALA A 76 -6.99 -18.89 5.47
N ASP A 77 -6.33 -19.35 6.53
CA ASP A 77 -6.88 -19.28 7.87
C ASP A 77 -6.54 -17.90 8.43
N TYR A 78 -7.46 -16.96 8.21
CA TYR A 78 -7.16 -15.54 8.42
C TYR A 78 -6.67 -15.24 9.83
N GLU A 79 -7.43 -15.66 10.84
CA GLU A 79 -7.04 -15.36 12.22
C GLU A 79 -5.86 -16.20 12.69
N GLY A 80 -5.98 -17.51 12.52
CA GLY A 80 -5.03 -18.43 13.13
C GLY A 80 -3.66 -18.45 12.49
N THR A 81 -3.60 -18.26 11.18
CA THR A 81 -2.32 -18.26 10.46
C THR A 81 -1.80 -16.85 10.19
N TYR A 82 -2.70 -15.89 9.92
CA TYR A 82 -2.27 -14.59 9.43
C TYR A 82 -2.54 -13.44 10.40
N GLY A 83 -3.21 -13.70 11.51
CA GLY A 83 -3.48 -12.65 12.48
C GLY A 83 -4.41 -11.54 12.00
N VAL A 84 -5.33 -11.88 11.08
CA VAL A 84 -6.27 -10.93 10.54
C VAL A 84 -7.64 -11.22 11.12
N THR A 85 -8.22 -10.22 11.77
CA THR A 85 -9.59 -10.30 12.27
C THR A 85 -10.37 -9.06 11.87
N SER A 86 -11.69 -9.19 11.88
CA SER A 86 -12.55 -8.06 11.65
C SER A 86 -13.74 -8.10 12.58
N SER A 87 -14.36 -6.94 12.76
CA SER A 87 -15.60 -6.82 13.52
C SER A 87 -16.29 -5.53 13.11
N GLY A 88 -17.47 -5.66 12.53
CA GLY A 88 -18.19 -4.48 12.07
C GLY A 88 -17.38 -3.74 11.03
N SER A 89 -17.04 -2.48 11.28
CA SER A 89 -16.24 -1.65 10.38
C SER A 89 -14.75 -1.68 10.66
N SER A 90 -14.31 -2.55 11.57
CA SER A 90 -12.93 -2.59 12.00
CA SER A 90 -12.92 -2.61 12.01
C SER A 90 -12.17 -3.82 11.48
N LEU A 91 -10.96 -3.57 11.00
CA LEU A 91 -10.05 -4.60 10.49
C LEU A 91 -8.75 -4.50 11.29
N LYS A 92 -8.38 -5.58 11.97
CA LYS A 92 -7.15 -5.60 12.78
C LYS A 92 -6.14 -6.56 12.14
N LEU A 93 -4.96 -6.03 11.85
CA LEU A 93 -3.87 -6.78 11.26
C LEU A 93 -2.77 -6.91 12.30
N ASN A 94 -2.55 -8.14 12.78
CA ASN A 94 -1.45 -8.41 13.71
C ASN A 94 -0.14 -8.57 12.97
N PHE A 95 0.95 -8.30 13.65
CA PHE A 95 2.26 -8.36 13.03
C PHE A 95 2.76 -9.81 12.90
N VAL A 96 3.25 -10.42 13.96
CA VAL A 96 3.80 -11.79 13.85
C VAL A 96 2.78 -12.79 14.34
N THR A 97 2.48 -13.78 13.49
CA THR A 97 1.65 -14.91 13.91
C THR A 97 2.40 -16.15 13.46
N GLY A 98 2.95 -16.92 14.41
CA GLY A 98 3.81 -18.00 14.01
C GLY A 98 4.99 -17.45 13.23
N SER A 99 5.25 -17.99 12.03
CA SER A 99 6.34 -17.51 11.18
C SER A 99 5.85 -16.42 10.21
N ASN A 100 4.55 -16.16 10.19
CA ASN A 100 3.99 -15.16 9.29
C ASN A 100 4.22 -13.76 9.79
N VAL A 101 4.57 -12.86 8.89
CA VAL A 101 4.78 -11.44 9.22
C VAL A 101 3.85 -10.54 8.41
N GLY A 102 2.90 -9.94 9.12
CA GLY A 102 1.95 -9.03 8.51
C GLY A 102 1.08 -9.63 7.43
N SER A 103 0.53 -8.75 6.60
CA SER A 103 -0.48 -9.13 5.66
C SER A 103 -0.72 -7.97 4.68
N ARG A 104 -1.39 -8.28 3.57
CA ARG A 104 -1.86 -7.29 2.61
C ARG A 104 -3.22 -7.79 2.15
N LEU A 105 -4.23 -6.94 2.32
CA LEU A 105 -5.62 -7.26 2.08
C LEU A 105 -6.25 -6.28 1.12
N TYR A 106 -7.20 -6.76 0.32
CA TYR A 106 -7.96 -5.93 -0.62
C TYR A 106 -9.43 -5.92 -0.24
N LEU A 107 -10.08 -4.76 -0.37
CA LEU A 107 -11.53 -4.67 -0.15
C LEU A 107 -12.29 -5.19 -1.36
N LEU A 108 -13.25 -6.06 -1.07
CA LEU A 108 -14.11 -6.70 -2.05
C LEU A 108 -15.49 -6.08 -2.14
N GLN A 109 -15.95 -5.93 -3.37
CA GLN A 109 -17.35 -5.70 -3.67
C GLN A 109 -18.17 -6.98 -3.53
N ASP A 110 -17.63 -8.09 -4.02
CA ASP A 110 -18.27 -9.37 -3.87
C ASP A 110 -17.15 -10.41 -3.88
N ASP A 111 -17.52 -11.69 -3.75
CA ASP A 111 -16.54 -12.71 -3.48
C ASP A 111 -15.53 -12.94 -4.61
N SER A 112 -15.78 -12.35 -5.78
CA SER A 112 -14.89 -12.50 -6.93
C SER A 112 -14.46 -11.15 -7.53
N THR A 113 -14.71 -10.05 -6.83
CA THR A 113 -14.53 -8.73 -7.43
C THR A 113 -14.08 -7.72 -6.41
N TYR A 114 -12.94 -7.10 -6.65
CA TYR A 114 -12.49 -6.00 -5.80
C TYR A 114 -13.41 -4.81 -5.93
N GLN A 115 -13.60 -4.08 -4.83
CA GLN A 115 -14.32 -2.82 -4.85
C GLN A 115 -13.50 -1.77 -5.60
N ILE A 116 -14.12 -1.09 -6.55
CA ILE A 116 -13.45 -0.02 -7.28
C ILE A 116 -13.92 1.31 -6.71
N PHE A 117 -12.96 2.19 -6.46
CA PHE A 117 -13.21 3.55 -6.05
C PHE A 117 -12.76 4.46 -7.17
N LYS A 118 -13.58 5.47 -7.46
CA LYS A 118 -13.25 6.57 -8.37
C LYS A 118 -13.00 7.81 -7.54
N LEU A 119 -11.73 8.09 -7.28
CA LEU A 119 -11.34 9.09 -6.28
C LEU A 119 -11.44 10.54 -6.71
N LEU A 120 -11.51 10.83 -8.01
CA LEU A 120 -11.49 12.23 -8.43
C LEU A 120 -12.65 13.01 -7.84
N ASN A 121 -12.35 14.17 -7.26
CA ASN A 121 -13.37 15.03 -6.68
C ASN A 121 -14.15 14.28 -5.58
N ARG A 122 -13.44 13.46 -4.82
CA ARG A 122 -14.00 12.72 -3.71
C ARG A 122 -13.11 12.82 -2.49
N GLU A 123 -13.65 12.34 -1.39
CA GLU A 123 -13.05 12.35 -0.08
C GLU A 123 -13.14 10.94 0.53
N PHE A 124 -12.05 10.49 1.12
CA PHE A 124 -11.96 9.19 1.77
C PHE A 124 -11.49 9.42 3.20
N SER A 125 -12.21 8.86 4.17
CA SER A 125 -11.88 8.96 5.59
C SER A 125 -11.80 7.58 6.20
N PHE A 126 -10.92 7.45 7.19
CA PHE A 126 -10.89 6.22 7.98
C PHE A 126 -10.32 6.57 9.34
N ASP A 127 -10.59 5.70 10.31
CA ASP A 127 -9.99 5.79 11.62
C ASP A 127 -8.87 4.77 11.71
N VAL A 128 -7.84 5.09 12.48
CA VAL A 128 -6.73 4.21 12.65
C VAL A 128 -6.18 4.24 14.06
N ASP A 129 -5.68 3.09 14.49
CA ASP A 129 -4.94 2.95 15.73
C ASP A 129 -3.53 2.50 15.34
N VAL A 130 -2.57 3.40 15.46
CA VAL A 130 -1.16 3.12 15.18
C VAL A 130 -0.34 3.04 16.48
N SER A 131 -1.00 3.04 17.62
CA SER A 131 -0.32 3.13 18.91
C SER A 131 0.63 1.98 19.15
N ASN A 132 0.37 0.83 18.52
CA ASN A 132 1.20 -0.36 18.66
C ASN A 132 2.03 -0.64 17.41
N LEU A 133 2.45 0.45 16.74
CA LEU A 133 3.37 0.36 15.58
C LEU A 133 4.66 1.11 15.91
N PRO A 134 5.72 0.38 16.30
CA PRO A 134 6.99 1.02 16.63
C PRO A 134 7.86 1.26 15.37
N CYS A 135 9.07 1.76 15.59
CA CYS A 135 10.00 1.98 14.51
C CYS A 135 10.12 0.77 13.63
N GLY A 136 10.12 1.00 12.33
CA GLY A 136 10.35 -0.06 11.38
C GLY A 136 9.12 -0.71 10.82
N LEU A 137 7.95 -0.44 11.38
CA LEU A 137 6.72 -1.01 10.87
C LEU A 137 5.96 0.02 10.05
N ASN A 138 5.16 -0.46 9.11
CA ASN A 138 4.33 0.41 8.29
C ASN A 138 2.96 -0.23 8.16
N GLY A 139 1.97 0.43 8.76
CA GLY A 139 0.57 0.14 8.49
C GLY A 139 0.17 1.03 7.33
N ALA A 140 -0.08 0.43 6.18
CA ALA A 140 -0.42 1.21 5.01
C ALA A 140 -1.88 1.00 4.60
N LEU A 141 -2.50 2.08 4.15
CA LEU A 141 -3.82 2.07 3.55
C LEU A 141 -3.68 2.89 2.28
N TYR A 142 -3.98 2.30 1.14
CA TYR A 142 -3.63 2.94 -0.11
C TYR A 142 -4.48 2.37 -1.23
N PHE A 143 -4.35 2.99 -2.41
CA PHE A 143 -5.09 2.59 -3.60
C PHE A 143 -4.11 2.25 -4.71
N VAL A 144 -4.43 1.21 -5.49
CA VAL A 144 -3.66 0.85 -6.67
C VAL A 144 -4.61 0.59 -7.83
N ALA A 145 -4.14 0.81 -9.05
CA ALA A 145 -4.97 0.58 -10.23
C ALA A 145 -4.91 -0.88 -10.71
N MET A 146 -5.33 -1.79 -9.83
CA MET A 146 -5.55 -3.19 -10.15
C MET A 146 -6.83 -3.35 -10.97
N ASP A 147 -6.92 -4.46 -11.69
CA ASP A 147 -8.17 -4.85 -12.32
C ASP A 147 -9.13 -5.36 -11.24
N ALA A 148 -10.39 -5.00 -11.35
CA ALA A 148 -11.39 -5.44 -10.38
C ALA A 148 -11.51 -6.96 -10.27
N ASP A 149 -11.28 -7.67 -11.36
CA ASP A 149 -11.45 -9.11 -11.38
C ASP A 149 -10.14 -9.85 -11.07
N GLY A 150 -9.10 -9.12 -10.67
CA GLY A 150 -7.85 -9.78 -10.35
C GLY A 150 -7.09 -10.35 -11.52
N GLY A 151 -7.54 -10.08 -12.74
CA GLY A 151 -6.87 -10.53 -13.95
C GLY A 151 -7.56 -11.64 -14.72
N VAL A 152 -8.66 -12.17 -14.19
CA VAL A 152 -9.18 -13.41 -14.73
CA VAL A 152 -9.25 -13.39 -14.71
C VAL A 152 -9.68 -13.27 -16.16
N SER A 153 -10.27 -12.13 -16.52
CA SER A 153 -10.83 -12.01 -17.88
C SER A 153 -9.75 -11.88 -18.95
N LYS A 154 -8.57 -11.41 -18.55
CA LYS A 154 -7.46 -11.23 -19.46
C LYS A 154 -6.55 -12.44 -19.58
N TYR A 155 -6.45 -13.21 -18.49
CA TYR A 155 -5.44 -14.26 -18.33
C TYR A 155 -6.11 -15.56 -17.95
N PRO A 156 -6.45 -16.37 -18.97
CA PRO A 156 -7.21 -17.60 -18.72
C PRO A 156 -6.58 -18.56 -17.73
N ASN A 157 -5.26 -18.57 -17.63
CA ASN A 157 -4.63 -19.46 -16.67
C ASN A 157 -4.67 -19.00 -15.23
N ASN A 158 -5.18 -17.80 -15.02
CA ASN A 158 -5.54 -17.36 -13.69
C ASN A 158 -6.98 -17.72 -13.40
N LYS A 159 -7.19 -18.85 -12.75
CA LYS A 159 -8.53 -19.25 -12.35
C LYS A 159 -8.84 -18.87 -10.91
N ALA A 160 -7.84 -18.47 -10.16
CA ALA A 160 -8.03 -18.14 -8.76
C ALA A 160 -8.70 -16.78 -8.60
N GLY A 161 -8.15 -15.76 -9.24
CA GLY A 161 -8.79 -14.47 -9.28
C GLY A 161 -8.81 -13.70 -7.96
N ALA A 162 -9.68 -12.71 -7.92
CA ALA A 162 -9.83 -11.85 -6.74
C ALA A 162 -10.23 -12.62 -5.51
N LYS A 163 -10.92 -13.74 -5.69
CA LYS A 163 -11.29 -14.58 -4.55
C LYS A 163 -10.07 -15.04 -3.74
N TYR A 164 -8.93 -15.15 -4.42
CA TYR A 164 -7.66 -15.54 -3.83
C TYR A 164 -6.61 -14.43 -3.88
N GLY A 165 -7.03 -13.17 -4.08
CA GLY A 165 -6.09 -12.08 -3.95
C GLY A 165 -5.06 -11.97 -5.06
N THR A 166 -5.41 -12.32 -6.29
CA THR A 166 -4.48 -12.18 -7.41
C THR A 166 -4.50 -10.76 -7.99
N GLY A 167 -3.50 -10.47 -8.80
CA GLY A 167 -3.51 -9.28 -9.63
C GLY A 167 -2.86 -8.04 -9.05
N TYR A 168 -2.17 -8.17 -7.92
CA TYR A 168 -1.56 -6.98 -7.35
C TYR A 168 -0.57 -6.32 -8.29
N CYS A 169 -0.50 -5.00 -8.16
CA CYS A 169 0.48 -4.16 -8.84
C CYS A 169 0.69 -2.95 -7.98
N ASP A 170 1.84 -2.27 -8.13
CA ASP A 170 2.01 -0.97 -7.50
C ASP A 170 3.15 -0.25 -8.21
N SER A 171 3.52 0.92 -7.69
CA SER A 171 4.45 1.78 -8.40
C SER A 171 5.90 1.38 -8.26
N GLN A 172 6.16 0.31 -7.52
CA GLN A 172 7.47 -0.32 -7.49
C GLN A 172 7.63 -1.37 -8.56
N CYS A 173 6.58 -1.63 -9.35
CA CYS A 173 6.63 -2.72 -10.33
C CYS A 173 7.14 -3.99 -9.69
N PRO A 174 6.49 -4.42 -8.61
CA PRO A 174 7.06 -5.50 -7.81
C PRO A 174 7.29 -6.79 -8.60
N ARG A 175 8.47 -7.35 -8.37
CA ARG A 175 8.96 -8.57 -8.98
C ARG A 175 8.97 -9.74 -8.01
N ASP A 176 8.50 -9.52 -6.78
CA ASP A 176 8.46 -10.57 -5.76
C ASP A 176 7.22 -11.42 -5.84
N LEU A 177 6.27 -11.04 -6.70
CA LEU A 177 5.02 -11.75 -6.83
C LEU A 177 5.24 -13.06 -7.53
N LYS A 178 4.60 -14.10 -7.00
CA LYS A 178 4.77 -15.43 -7.56
C LYS A 178 3.96 -15.70 -8.80
N PHE A 179 2.83 -15.03 -8.95
CA PHE A 179 2.01 -15.11 -10.16
C PHE A 179 1.72 -13.72 -10.67
N ILE A 180 1.99 -13.50 -11.95
CA ILE A 180 1.66 -12.25 -12.64
C ILE A 180 1.08 -12.59 -13.99
N ASP A 181 -0.09 -12.06 -14.28
CA ASP A 181 -0.74 -12.21 -15.58
C ASP A 181 -0.87 -13.66 -16.03
N GLY A 182 -1.28 -14.51 -15.09
CA GLY A 182 -1.57 -15.90 -15.38
C GLY A 182 -0.38 -16.79 -15.59
N GLU A 183 0.80 -16.28 -15.24
CA GLU A 183 2.03 -17.04 -15.30
C GLU A 183 2.73 -16.99 -13.96
N ALA A 184 3.44 -18.05 -13.61
CA ALA A 184 4.29 -18.03 -12.44
C ALA A 184 5.53 -17.20 -12.72
N ASN A 185 6.31 -16.92 -11.69
CA ASN A 185 7.51 -16.12 -11.81
C ASN A 185 8.73 -16.99 -11.55
N VAL A 186 8.75 -18.18 -12.13
CA VAL A 186 9.82 -19.12 -11.90
C VAL A 186 11.11 -18.93 -12.74
N GLU A 187 10.99 -18.55 -14.00
CA GLU A 187 12.12 -18.74 -14.94
C GLU A 187 13.45 -18.01 -14.64
N GLY A 188 13.34 -16.84 -14.06
CA GLY A 188 14.47 -16.01 -13.63
C GLY A 188 14.44 -15.72 -12.12
N TRP A 189 13.84 -16.63 -11.37
CA TRP A 189 13.68 -16.45 -9.92
C TRP A 189 15.00 -16.47 -9.18
N GLN A 190 15.20 -15.51 -8.30
CA GLN A 190 16.39 -15.40 -7.48
C GLN A 190 15.95 -15.26 -6.03
N PRO A 191 16.29 -16.24 -5.19
CA PRO A 191 15.83 -16.13 -3.81
C PRO A 191 16.48 -14.95 -3.10
N SER A 192 15.75 -14.34 -2.19
CA SER A 192 16.25 -13.24 -1.37
C SER A 192 17.37 -13.73 -0.47
N SER A 193 18.36 -12.89 -0.22
CA SER A 193 19.46 -13.25 0.66
C SER A 193 19.03 -13.24 2.13
N ASN A 194 18.06 -12.39 2.45
CA ASN A 194 17.74 -12.12 3.85
C ASN A 194 16.32 -12.47 4.27
N ASN A 195 15.52 -12.99 3.36
CA ASN A 195 14.14 -13.34 3.69
C ASN A 195 13.86 -14.75 3.15
N ALA A 196 13.72 -15.70 4.05
CA ALA A 196 13.65 -17.13 3.68
C ALA A 196 12.42 -17.47 2.85
N ASN A 197 11.43 -16.58 2.84
CA ASN A 197 10.19 -16.82 2.12
C ASN A 197 10.06 -16.14 0.78
N THR A 198 11.01 -15.29 0.39
CA THR A 198 10.82 -14.44 -0.77
C THR A 198 11.95 -14.49 -1.78
N GLY A 199 11.66 -13.96 -2.97
CA GLY A 199 12.64 -13.82 -4.02
C GLY A 199 12.16 -12.78 -4.99
N ILE A 200 12.89 -12.70 -6.09
CA ILE A 200 12.63 -11.75 -7.15
C ILE A 200 12.68 -12.48 -8.48
N GLY A 201 11.65 -12.37 -9.30
CA GLY A 201 11.64 -13.00 -10.61
C GLY A 201 11.82 -12.00 -11.74
N ASP A 202 11.78 -12.50 -12.95
CA ASP A 202 11.92 -11.64 -14.13
C ASP A 202 10.70 -10.76 -14.37
N HIS A 203 9.55 -11.20 -13.94
CA HIS A 203 8.35 -10.40 -14.18
C HIS A 203 8.04 -9.51 -13.00
N GLY A 204 7.59 -8.30 -13.32
CA GLY A 204 7.04 -7.39 -12.34
C GLY A 204 5.69 -6.86 -12.77
N SER A 205 4.96 -6.28 -11.80
CA SER A 205 3.59 -5.86 -12.05
C SER A 205 3.41 -4.40 -11.65
N CYS A 206 3.32 -3.53 -12.66
CA CYS A 206 3.34 -2.09 -12.46
C CYS A 206 1.94 -1.50 -12.52
N CYS A 207 1.65 -0.51 -11.65
CA CYS A 207 0.51 0.38 -11.85
C CYS A 207 0.65 1.54 -10.91
N ALA A 208 -0.07 2.61 -11.21
CA ALA A 208 -0.06 3.78 -10.35
C ALA A 208 -0.63 3.47 -8.97
N GLU A 209 -0.20 4.29 -8.01
CA GLU A 209 -0.47 4.02 -6.62
C GLU A 209 -0.70 5.35 -5.91
N MET A 210 -1.80 5.45 -5.15
CA MET A 210 -2.05 6.59 -4.31
C MET A 210 -1.89 6.16 -2.86
N ASP A 211 -0.72 6.46 -2.28
CA ASP A 211 -0.45 6.06 -0.92
C ASP A 211 -1.07 7.06 0.04
N VAL A 212 -2.33 6.82 0.35
CA VAL A 212 -3.07 7.69 1.26
C VAL A 212 -2.36 7.72 2.61
N TRP A 213 -1.93 6.56 3.08
CA TRP A 213 -1.48 6.43 4.47
C TRP A 213 -0.38 5.39 4.55
N GLU A 214 0.81 5.82 4.92
CA GLU A 214 1.89 4.92 5.31
C GLU A 214 2.39 5.46 6.63
N ALA A 215 2.35 4.66 7.68
CA ALA A 215 2.53 5.23 9.00
C ALA A 215 2.83 4.21 10.07
N ASN A 216 3.44 4.73 11.13
CA ASN A 216 3.50 4.07 12.41
C ASN A 216 3.25 5.12 13.50
N SER A 217 3.57 4.80 14.75
CA SER A 217 3.33 5.77 15.82
C SER A 217 4.33 6.93 15.82
N ILE A 218 5.36 6.85 14.98
CA ILE A 218 6.38 7.89 14.89
C ILE A 218 6.09 8.88 13.77
N SER A 219 5.86 8.39 12.56
CA SER A 219 5.71 9.25 11.39
C SER A 219 4.67 8.71 10.44
N ASN A 220 4.17 9.59 9.57
CA ASN A 220 3.28 9.20 8.47
C ASN A 220 3.64 9.98 7.20
N ALA A 221 3.30 9.39 6.06
CA ALA A 221 3.46 10.07 4.78
C ALA A 221 2.25 9.79 3.91
N VAL A 222 1.89 10.79 3.08
CA VAL A 222 0.89 10.65 2.01
C VAL A 222 1.62 10.91 0.70
N THR A 223 1.49 10.01 -0.28
CA THR A 223 2.36 10.02 -1.44
C THR A 223 1.67 9.45 -2.69
N PRO A 224 1.32 10.31 -3.68
CA PRO A 224 0.96 9.77 -5.00
C PRO A 224 2.21 9.31 -5.79
N HIS A 225 2.06 8.23 -6.54
CA HIS A 225 3.11 7.71 -7.43
C HIS A 225 2.48 7.41 -8.80
N PRO A 226 2.80 8.20 -9.83
CA PRO A 226 2.29 7.97 -11.19
C PRO A 226 3.12 6.95 -11.94
N CYS A 227 2.47 6.32 -12.91
CA CYS A 227 3.14 5.46 -13.90
C CYS A 227 2.79 5.90 -15.31
N ASP A 228 3.65 5.57 -16.26
CA ASP A 228 3.37 5.92 -17.65
C ASP A 228 2.10 5.30 -18.17
N THR A 229 1.88 4.03 -17.86
CA THR A 229 0.57 3.40 -18.10
C THR A 229 -0.12 3.37 -16.75
N PRO A 230 -1.32 3.97 -16.62
CA PRO A 230 -1.88 4.07 -15.28
C PRO A 230 -2.25 2.72 -14.64
N GLY A 231 -2.84 1.83 -15.41
CA GLY A 231 -3.29 0.55 -14.92
C GLY A 231 -2.23 -0.54 -14.96
N GLN A 232 -2.64 -1.74 -14.57
CA GLN A 232 -1.72 -2.84 -14.39
C GLN A 232 -1.08 -3.25 -15.70
N THR A 233 0.24 -3.39 -15.68
CA THR A 233 1.01 -3.83 -16.83
C THR A 233 2.16 -4.68 -16.34
N MET A 234 2.61 -5.59 -17.17
CA MET A 234 3.76 -6.40 -16.81
C MET A 234 5.04 -5.71 -17.29
N CYS A 235 6.10 -5.85 -16.52
CA CYS A 235 7.43 -5.44 -16.94
C CYS A 235 8.37 -6.64 -16.84
N SER A 236 9.55 -6.49 -17.43
CA SER A 236 10.54 -7.55 -17.43
C SER A 236 11.91 -7.08 -16.95
N GLY A 237 12.44 -7.80 -15.98
CA GLY A 237 13.81 -7.66 -15.59
C GLY A 237 14.12 -6.30 -15.01
N ASP A 238 15.34 -5.87 -15.22
CA ASP A 238 15.77 -4.62 -14.58
C ASP A 238 15.07 -3.39 -15.18
N ASP A 239 14.47 -3.53 -16.37
CA ASP A 239 13.65 -2.46 -16.94
C ASP A 239 12.40 -2.18 -16.11
N CYS A 240 12.08 -3.06 -15.17
CA CYS A 240 11.01 -2.79 -14.24
C CYS A 240 11.27 -1.58 -13.38
N GLY A 241 12.54 -1.31 -13.08
CA GLY A 241 12.87 -0.32 -12.07
C GLY A 241 12.30 -0.72 -10.74
N GLY A 242 12.10 0.26 -9.88
CA GLY A 242 11.53 0.00 -8.56
C GLY A 242 12.57 -0.47 -7.59
N THR A 243 12.13 -0.66 -6.34
CA THR A 243 13.05 -0.90 -5.24
C THR A 243 14.01 -2.09 -5.42
N TYR A 244 13.58 -3.13 -6.14
CA TYR A 244 14.37 -4.37 -6.24
C TYR A 244 14.99 -4.66 -7.60
N SER A 245 14.99 -3.65 -8.48
CA SER A 245 15.77 -3.76 -9.69
C SER A 245 17.11 -3.08 -9.46
N ASN A 246 18.04 -3.25 -10.39
CA ASN A 246 19.38 -2.66 -10.27
C ASN A 246 19.30 -1.15 -10.09
N ASP A 247 18.34 -0.53 -10.77
CA ASP A 247 18.20 0.92 -10.80
C ASP A 247 16.72 1.24 -10.61
N ARG A 248 16.37 1.83 -9.46
CA ARG A 248 14.97 2.07 -9.14
C ARG A 248 14.33 3.00 -10.18
N TYR A 249 15.14 3.77 -10.92
CA TYR A 249 14.59 4.75 -11.90
C TYR A 249 14.59 4.25 -13.34
N ALA A 250 14.88 2.97 -13.55
CA ALA A 250 14.96 2.43 -14.92
C ALA A 250 13.65 2.14 -15.63
N GLY A 251 12.54 2.22 -14.90
CA GLY A 251 11.25 1.78 -15.39
C GLY A 251 10.25 2.86 -15.67
N THR A 252 8.98 2.46 -15.68
CA THR A 252 7.89 3.31 -16.14
C THR A 252 7.07 3.93 -15.02
N CYS A 253 7.43 3.67 -13.76
CA CYS A 253 6.72 4.20 -12.61
C CYS A 253 7.67 4.99 -11.73
N ASP A 254 7.12 5.97 -11.02
CA ASP A 254 7.86 6.79 -10.08
C ASP A 254 7.93 6.05 -8.74
N PRO A 255 9.12 5.53 -8.36
CA PRO A 255 9.22 4.75 -7.12
C PRO A 255 9.28 5.62 -5.87
N ASP A 256 9.50 6.92 -6.02
CA ASP A 256 9.68 7.80 -4.87
C ASP A 256 8.39 8.54 -4.50
N GLY A 257 7.69 9.03 -5.52
CA GLY A 257 6.45 9.74 -5.33
C GLY A 257 6.66 11.20 -5.01
N CYS A 258 5.56 11.90 -4.77
CA CYS A 258 5.58 13.24 -4.21
C CYS A 258 4.96 13.14 -2.82
N ASP A 259 5.82 13.15 -1.81
CA ASP A 259 5.41 12.83 -0.46
C ASP A 259 5.22 14.06 0.42
N PHE A 260 4.27 13.95 1.33
CA PHE A 260 4.14 14.88 2.45
C PHE A 260 4.13 14.08 3.74
N ASN A 261 5.23 14.20 4.49
CA ASN A 261 5.40 13.67 5.85
C ASN A 261 5.68 14.91 6.69
N PRO A 262 4.79 15.24 7.64
CA PRO A 262 4.93 16.54 8.33
C PRO A 262 6.27 16.72 9.04
N TYR A 263 6.84 15.64 9.56
CA TYR A 263 8.15 15.69 10.22
C TYR A 263 9.21 16.04 9.19
N ARG A 264 9.20 15.35 8.05
CA ARG A 264 10.13 15.65 6.96
C ARG A 264 9.94 17.05 6.42
N MET A 265 8.71 17.57 6.48
CA MET A 265 8.43 18.91 6.03
C MET A 265 8.66 19.97 7.11
N GLY A 266 9.30 19.59 8.20
CA GLY A 266 9.85 20.54 9.16
C GLY A 266 8.99 20.85 10.37
N ASN A 267 7.99 20.02 10.64
CA ASN A 267 7.19 20.17 11.86
C ASN A 267 7.21 18.86 12.64
N THR A 268 8.12 18.79 13.61
CA THR A 268 8.28 17.58 14.40
C THR A 268 7.30 17.50 15.56
N SER A 269 6.58 18.58 15.83
CA SER A 269 5.67 18.59 16.96
CA SER A 269 5.64 18.66 16.94
C SER A 269 4.25 18.15 16.57
N PHE A 270 4.02 17.94 15.27
CA PHE A 270 2.66 17.70 14.81
C PHE A 270 2.13 16.29 15.09
N TYR A 271 2.91 15.28 14.72
CA TYR A 271 2.42 13.89 14.69
C TYR A 271 3.39 12.98 15.42
N GLY A 272 2.88 12.20 16.38
CA GLY A 272 3.69 11.27 17.12
C GLY A 272 3.15 11.11 18.52
N PRO A 273 3.88 10.40 19.38
CA PRO A 273 3.32 10.15 20.71
C PRO A 273 3.18 11.47 21.47
N GLY A 274 1.99 11.71 22.03
CA GLY A 274 1.76 12.93 22.78
C GLY A 274 1.78 14.20 21.97
N LYS A 275 1.80 14.12 20.64
CA LYS A 275 1.90 15.31 19.80
C LYS A 275 0.51 15.87 19.46
N ILE A 276 0.45 16.83 18.55
CA ILE A 276 -0.82 17.47 18.24
C ILE A 276 -1.85 16.44 17.77
N ILE A 277 -1.42 15.53 16.90
CA ILE A 277 -2.10 14.26 16.66
C ILE A 277 -1.32 13.25 17.48
N ASP A 278 -1.96 12.75 18.54
CA ASP A 278 -1.31 11.93 19.54
C ASP A 278 -1.48 10.47 19.14
N THR A 279 -0.40 9.85 18.68
CA THR A 279 -0.45 8.51 18.14
C THR A 279 -0.61 7.43 19.20
N THR A 280 -0.64 7.79 20.50
CA THR A 280 -0.96 6.80 21.51
C THR A 280 -2.45 6.51 21.56
N LYS A 281 -3.27 7.26 20.81
CA LYS A 281 -4.70 7.03 20.74
C LYS A 281 -5.17 7.05 19.31
N PRO A 282 -6.32 6.41 19.04
CA PRO A 282 -6.81 6.42 17.65
C PRO A 282 -7.15 7.82 17.16
N PHE A 283 -7.21 7.97 15.84
CA PHE A 283 -7.62 9.24 15.25
C PHE A 283 -8.19 8.96 13.85
N THR A 284 -8.80 9.99 13.27
CA THR A 284 -9.40 9.92 11.95
C THR A 284 -8.49 10.64 10.95
N VAL A 285 -8.35 10.05 9.77
CA VAL A 285 -7.55 10.58 8.68
C VAL A 285 -8.47 10.83 7.49
N VAL A 286 -8.59 12.09 7.07
CA VAL A 286 -9.41 12.49 5.94
C VAL A 286 -8.50 12.93 4.79
N THR A 287 -8.80 12.49 3.58
CA THR A 287 -7.99 12.85 2.41
C THR A 287 -8.95 13.23 1.30
N GLN A 288 -8.68 14.36 0.65
CA GLN A 288 -9.52 14.90 -0.42
C GLN A 288 -8.72 14.97 -1.70
N PHE A 289 -9.33 14.56 -2.82
CA PHE A 289 -8.69 14.54 -4.12
C PHE A 289 -9.40 15.56 -4.99
N LEU A 290 -8.86 16.78 -4.97
CA LEU A 290 -9.52 17.90 -5.63
C LEU A 290 -9.07 18.01 -7.08
N THR A 291 -9.96 18.51 -7.93
CA THR A 291 -9.66 18.68 -9.34
C THR A 291 -9.62 20.16 -9.68
N ASP A 292 -9.03 20.47 -10.82
CA ASP A 292 -8.74 21.87 -11.15
C ASP A 292 -10.00 22.73 -11.27
N ASP A 293 -11.10 22.15 -11.72
CA ASP A 293 -12.36 22.88 -11.86
C ASP A 293 -13.43 22.45 -10.85
N GLY A 294 -13.06 21.61 -9.90
CA GLY A 294 -13.97 21.21 -8.84
C GLY A 294 -15.04 20.23 -9.28
N THR A 295 -14.90 19.67 -10.48
CA THR A 295 -15.87 18.72 -11.00
C THR A 295 -15.25 17.32 -11.12
N ASP A 296 -16.09 16.33 -11.38
CA ASP A 296 -15.65 14.96 -11.47
C ASP A 296 -14.75 14.71 -12.66
N THR A 297 -14.83 15.56 -13.70
CA THR A 297 -14.03 15.38 -14.91
C THR A 297 -12.86 16.37 -15.02
N GLY A 298 -12.63 17.16 -13.98
CA GLY A 298 -11.44 17.99 -13.94
C GLY A 298 -10.18 17.15 -13.73
N THR A 299 -9.04 17.78 -13.94
CA THR A 299 -7.74 17.13 -13.72
C THR A 299 -7.36 17.22 -12.24
N LEU A 300 -6.90 16.11 -11.66
CA LEU A 300 -6.42 16.11 -10.29
C LEU A 300 -5.43 17.25 -10.09
N SER A 301 -5.69 18.09 -9.09
CA SER A 301 -4.90 19.29 -8.89
C SER A 301 -4.37 19.46 -7.49
N GLU A 302 -5.00 18.84 -6.50
CA GLU A 302 -4.60 19.07 -5.12
C GLU A 302 -5.08 17.92 -4.23
N ILE A 303 -4.18 17.43 -3.39
CA ILE A 303 -4.53 16.41 -2.40
C ILE A 303 -4.39 17.03 -1.02
N LYS A 304 -5.51 17.08 -0.31
CA LYS A 304 -5.57 17.69 1.01
C LYS A 304 -5.79 16.66 2.12
N ARG A 305 -5.32 17.02 3.30
CA ARG A 305 -5.38 16.15 4.47
C ARG A 305 -5.90 16.90 5.68
N PHE A 306 -6.84 16.26 6.38
CA PHE A 306 -7.26 16.70 7.69
C PHE A 306 -7.21 15.52 8.63
N TYR A 307 -7.01 15.80 9.91
CA TYR A 307 -7.10 14.78 10.96
C TYR A 307 -8.21 15.17 11.92
N ILE A 308 -8.82 14.18 12.56
CA ILE A 308 -9.77 14.46 13.62
CA ILE A 308 -9.78 14.47 13.64
C ILE A 308 -9.40 13.61 14.84
N GLN A 309 -9.22 14.25 15.99
CA GLN A 309 -8.96 13.51 17.21
C GLN A 309 -9.61 14.29 18.33
N ASN A 310 -10.30 13.58 19.23
CA ASN A 310 -11.07 14.21 20.28
C ASN A 310 -12.06 15.22 19.70
N SER A 311 -12.59 14.91 18.53
CA SER A 311 -13.58 15.75 17.85
C SER A 311 -13.02 17.09 17.33
N ASN A 312 -11.71 17.27 17.41
CA ASN A 312 -11.05 18.47 16.88
C ASN A 312 -10.56 18.18 15.48
N VAL A 313 -11.03 18.99 14.53
CA VAL A 313 -10.61 18.90 13.14
C VAL A 313 -9.35 19.72 12.98
N ILE A 314 -8.30 19.05 12.54
CA ILE A 314 -6.97 19.63 12.53
C ILE A 314 -6.37 19.45 11.14
N PRO A 315 -6.15 20.55 10.41
CA PRO A 315 -5.54 20.41 9.09
C PRO A 315 -4.11 19.93 9.19
N GLN A 316 -3.64 19.32 8.11
CA GLN A 316 -2.22 19.06 7.93
C GLN A 316 -1.44 20.35 8.23
N PRO A 317 -0.31 20.27 8.93
CA PRO A 317 0.49 21.48 9.14
C PRO A 317 1.10 21.96 7.83
N ASN A 318 1.37 23.25 7.77
CA ASN A 318 2.12 23.78 6.66
C ASN A 318 3.58 23.29 6.67
N SER A 319 4.15 23.16 5.48
CA SER A 319 5.57 22.98 5.34
C SER A 319 6.34 24.14 5.97
N ASP A 320 7.44 23.80 6.62
CA ASP A 320 8.39 24.79 7.10
C ASP A 320 9.73 24.57 6.41
N ILE A 321 9.74 24.02 5.23
CA ILE A 321 10.93 23.91 4.42
C ILE A 321 11.05 25.14 3.50
N SER A 322 12.23 25.75 3.53
CA SER A 322 12.49 26.94 2.72
C SER A 322 12.17 26.66 1.25
N GLY A 323 11.32 27.51 0.67
CA GLY A 323 10.93 27.40 -0.73
C GLY A 323 9.70 26.55 -1.01
N VAL A 324 9.17 25.90 0.04
CA VAL A 324 8.10 24.92 -0.13
C VAL A 324 6.97 25.31 0.80
N THR A 325 5.92 25.89 0.24
CA THR A 325 4.85 26.44 1.08
C THR A 325 3.60 25.56 1.03
N GLY A 326 2.76 25.78 2.02
CA GLY A 326 1.44 25.18 2.07
C GLY A 326 1.42 23.82 2.74
N ASN A 327 0.24 23.22 2.79
CA ASN A 327 0.01 21.99 3.52
C ASN A 327 -0.59 20.89 2.66
N SER A 328 -0.49 21.04 1.35
CA SER A 328 -1.13 20.12 0.42
C SER A 328 -0.22 19.73 -0.73
N ILE A 329 -0.61 18.68 -1.42
CA ILE A 329 0.16 18.21 -2.56
C ILE A 329 -0.44 18.79 -3.83
N THR A 330 0.38 19.54 -4.54
CA THR A 330 0.05 20.19 -5.79
C THR A 330 1.29 20.07 -6.69
N THR A 331 1.15 20.38 -7.97
CA THR A 331 2.31 20.39 -8.83
C THR A 331 3.38 21.36 -8.31
N GLU A 332 2.96 22.56 -7.92
CA GLU A 332 3.90 23.56 -7.41
C GLU A 332 4.64 23.04 -6.19
N PHE A 333 3.92 22.43 -5.26
CA PHE A 333 4.52 21.88 -4.07
C PHE A 333 5.53 20.80 -4.42
N CYS A 334 5.15 19.88 -5.30
CA CYS A 334 6.01 18.77 -5.64
C CYS A 334 7.31 19.21 -6.32
N THR A 335 7.19 20.17 -7.23
CA THR A 335 8.34 20.72 -7.92
C THR A 335 9.27 21.36 -6.89
N ALA A 336 8.70 22.16 -6.00
CA ALA A 336 9.49 22.86 -4.99
C ALA A 336 10.15 21.90 -3.99
N GLN A 337 9.42 20.87 -3.58
CA GLN A 337 9.95 19.96 -2.59
C GLN A 337 11.14 19.17 -3.15
N LYS A 338 11.03 18.71 -4.39
CA LYS A 338 12.11 17.96 -4.97
C LYS A 338 13.33 18.86 -5.09
N GLN A 339 13.12 20.11 -5.51
CA GLN A 339 14.22 21.06 -5.62
C GLN A 339 14.87 21.33 -4.26
N ALA A 340 14.06 21.59 -3.24
CA ALA A 340 14.59 21.91 -1.90
C ALA A 340 15.37 20.76 -1.31
N PHE A 341 14.91 19.54 -1.54
CA PHE A 341 15.54 18.37 -0.96
C PHE A 341 16.66 17.82 -1.81
N GLY A 342 16.79 18.30 -3.04
CA GLY A 342 17.79 17.75 -3.95
C GLY A 342 17.48 16.34 -4.44
N ASP A 343 16.20 15.99 -4.47
CA ASP A 343 15.77 14.67 -4.90
C ASP A 343 15.33 14.72 -6.37
N THR A 344 15.57 13.65 -7.10
CA THR A 344 15.20 13.64 -8.51
CA THR A 344 15.19 13.58 -8.51
C THR A 344 13.68 13.70 -8.65
N ASP A 345 13.22 14.51 -9.59
CA ASP A 345 11.80 14.70 -9.74
C ASP A 345 11.24 13.65 -10.69
N ASP A 346 11.26 12.39 -10.23
CA ASP A 346 10.73 11.31 -11.03
C ASP A 346 9.20 11.39 -11.12
N PHE A 347 8.57 12.01 -10.12
CA PHE A 347 7.15 12.30 -10.15
C PHE A 347 6.76 13.06 -11.42
N SER A 348 7.45 14.16 -11.69
CA SER A 348 7.18 14.92 -12.89
C SER A 348 7.49 14.11 -14.15
N GLN A 349 8.58 13.36 -14.12
CA GLN A 349 8.98 12.56 -15.26
C GLN A 349 7.90 11.58 -15.70
N HIS A 350 7.12 11.06 -14.75
CA HIS A 350 6.09 10.09 -15.07
C HIS A 350 4.68 10.70 -15.07
N GLY A 351 4.60 12.02 -15.22
CA GLY A 351 3.32 12.67 -15.48
C GLY A 351 2.62 13.25 -14.26
N GLY A 352 3.26 13.21 -13.11
CA GLY A 352 2.76 13.87 -11.91
C GLY A 352 1.30 13.64 -11.63
N LEU A 353 0.65 14.69 -11.16
CA LEU A 353 -0.76 14.60 -10.80
C LEU A 353 -1.67 14.28 -11.99
N ALA A 354 -1.28 14.71 -13.21
CA ALA A 354 -2.09 14.39 -14.37
C ALA A 354 -2.16 12.87 -14.60
N LYS A 355 -1.04 12.18 -14.49
CA LYS A 355 -1.04 10.73 -14.63
C LYS A 355 -1.61 10.03 -13.41
N MET A 356 -1.45 10.59 -12.23
CA MET A 356 -2.12 10.05 -11.05
C MET A 356 -3.62 10.10 -11.24
N GLY A 357 -4.11 11.24 -11.73
CA GLY A 357 -5.52 11.40 -11.98
C GLY A 357 -6.05 10.50 -13.09
N ALA A 358 -5.23 10.25 -14.11
CA ALA A 358 -5.60 9.29 -15.14
C ALA A 358 -5.81 7.91 -14.53
N ALA A 359 -4.95 7.52 -13.60
CA ALA A 359 -5.15 6.26 -12.90
C ALA A 359 -6.42 6.29 -12.08
N MET A 360 -6.68 7.39 -11.38
CA MET A 360 -7.90 7.48 -10.62
C MET A 360 -9.14 7.31 -11.52
N GLN A 361 -9.08 7.82 -12.74
CA GLN A 361 -10.15 7.66 -13.71
C GLN A 361 -10.39 6.21 -14.09
N GLN A 362 -9.36 5.38 -14.05
CA GLN A 362 -9.51 3.97 -14.39
C GLN A 362 -10.16 3.17 -13.30
N GLY A 363 -10.22 3.73 -12.09
CA GLY A 363 -10.73 3.02 -10.93
C GLY A 363 -9.59 2.36 -10.17
N MET A 364 -9.66 2.40 -8.85
CA MET A 364 -8.58 1.86 -8.00
C MET A 364 -9.16 1.01 -6.88
N VAL A 365 -8.34 0.06 -6.45
CA VAL A 365 -8.63 -0.91 -5.39
C VAL A 365 -7.99 -0.45 -4.10
N LEU A 366 -8.75 -0.58 -3.01
CA LEU A 366 -8.29 -0.29 -1.66
C LEU A 366 -7.49 -1.45 -1.08
N VAL A 367 -6.29 -1.11 -0.61
CA VAL A 367 -5.36 -2.02 0.01
C VAL A 367 -5.11 -1.59 1.44
N MET A 368 -5.10 -2.55 2.34
CA MET A 368 -4.71 -2.34 3.73
C MET A 368 -3.65 -3.38 4.07
N SER A 369 -2.52 -2.91 4.61
CA SER A 369 -1.42 -3.81 4.86
C SER A 369 -0.64 -3.44 6.12
N LEU A 370 0.22 -4.36 6.52
CA LEU A 370 1.14 -4.18 7.62
C LEU A 370 2.42 -4.89 7.24
N TRP A 371 3.54 -4.16 7.24
CA TRP A 371 4.79 -4.74 6.75
C TRP A 371 6.01 -4.14 7.46
N ASP A 372 7.11 -4.90 7.40
CA ASP A 372 8.44 -4.39 7.67
C ASP A 372 9.28 -4.55 6.41
N ASP A 373 10.45 -3.96 6.43
CA ASP A 373 11.09 -3.49 5.21
C ASP A 373 12.50 -4.10 5.19
N TYR A 374 12.64 -5.12 4.35
CA TYR A 374 13.92 -5.75 4.22
C TYR A 374 14.92 -4.89 3.44
N ALA A 375 14.45 -3.99 2.61
CA ALA A 375 15.35 -3.20 1.78
C ALA A 375 15.96 -2.02 2.53
N ALA A 376 15.12 -1.32 3.30
CA ALA A 376 15.53 -0.04 3.84
C ALA A 376 15.03 0.20 5.26
N GLN A 377 14.50 -0.83 5.92
CA GLN A 377 14.19 -0.79 7.35
C GLN A 377 13.21 0.32 7.73
N MET A 378 12.41 0.79 6.76
CA MET A 378 11.48 1.89 6.97
C MET A 378 12.16 3.18 7.40
N LEU A 379 13.47 3.30 7.17
CA LEU A 379 14.19 4.49 7.59
C LEU A 379 13.72 5.70 6.82
N TRP A 380 13.28 5.50 5.58
CA TRP A 380 12.74 6.55 4.75
C TRP A 380 11.48 7.17 5.33
N LEU A 381 10.75 6.40 6.15
CA LEU A 381 9.53 6.87 6.78
C LEU A 381 9.78 7.53 8.13
N ASP A 382 10.66 6.94 8.95
CA ASP A 382 10.69 7.27 10.39
C ASP A 382 12.07 7.58 10.96
N SER A 383 13.09 7.68 10.10
CA SER A 383 14.46 7.90 10.59
C SER A 383 15.17 8.96 9.73
N ASP A 384 16.49 8.93 9.70
CA ASP A 384 17.31 9.80 8.87
C ASP A 384 17.74 8.98 7.67
N TYR A 385 17.53 9.53 6.49
CA TYR A 385 17.73 8.77 5.27
C TYR A 385 18.09 9.69 4.11
N PRO A 386 19.12 9.33 3.34
CA PRO A 386 20.06 8.23 3.55
C PRO A 386 20.88 8.41 4.81
N THR A 387 21.48 7.32 5.26
CA THR A 387 22.14 7.33 6.55
C THR A 387 23.49 8.06 6.55
N ASP A 388 24.06 8.32 5.38
CA ASP A 388 25.34 9.04 5.30
C ASP A 388 25.16 10.54 5.37
N ALA A 389 23.94 11.03 5.14
CA ALA A 389 23.67 12.45 5.11
C ALA A 389 23.63 13.09 6.48
N ASP A 390 23.76 14.40 6.52
CA ASP A 390 23.63 15.16 7.73
C ASP A 390 22.15 15.26 8.08
N PRO A 391 21.74 14.75 9.25
CA PRO A 391 20.32 14.81 9.60
C PRO A 391 19.75 16.22 9.71
N THR A 392 20.60 17.26 9.73
CA THR A 392 20.09 18.63 9.72
C THR A 392 19.81 19.16 8.32
N THR A 393 20.25 18.45 7.28
CA THR A 393 19.98 18.88 5.91
C THR A 393 18.50 18.67 5.61
N PRO A 394 17.83 19.71 5.07
CA PRO A 394 16.41 19.50 4.78
C PRO A 394 16.17 18.28 3.90
N GLY A 395 15.18 17.50 4.30
CA GLY A 395 14.79 16.29 3.58
C GLY A 395 15.31 15.02 4.18
N ILE A 396 16.34 15.10 5.02
CA ILE A 396 16.97 13.89 5.53
C ILE A 396 16.20 13.27 6.69
N ALA A 397 15.80 14.07 7.68
CA ALA A 397 15.14 13.56 8.88
C ALA A 397 13.65 13.41 8.64
N ARG A 398 13.14 12.19 8.84
CA ARG A 398 11.75 11.85 8.60
C ARG A 398 11.02 11.38 9.85
N GLY A 399 11.76 11.07 10.91
CA GLY A 399 11.16 10.74 12.20
C GLY A 399 12.26 10.60 13.21
N THR A 400 11.92 10.12 14.41
CA THR A 400 12.84 10.06 15.55
C THR A 400 13.64 8.77 15.65
N CYS A 401 13.36 7.78 14.81
CA CYS A 401 13.96 6.48 14.99
C CYS A 401 15.44 6.54 14.62
N PRO A 402 16.28 5.78 15.33
CA PRO A 402 17.70 5.78 14.96
C PRO A 402 17.94 4.92 13.72
N THR A 403 19.07 5.13 13.05
CA THR A 403 19.30 4.47 11.78
C THR A 403 19.58 2.96 11.92
N ASP A 404 19.79 2.47 13.14
CA ASP A 404 19.90 1.03 13.41
C ASP A 404 18.56 0.34 13.58
N SER A 405 17.47 1.09 13.54
CA SER A 405 16.16 0.55 13.82
C SER A 405 15.56 -0.17 12.61
N GLY A 406 14.51 -0.93 12.87
CA GLY A 406 13.71 -1.50 11.81
C GLY A 406 14.25 -2.73 11.09
N VAL A 407 15.30 -3.36 11.59
CA VAL A 407 15.76 -4.58 10.96
C VAL A 407 14.69 -5.66 11.22
N PRO A 408 14.20 -6.34 10.18
CA PRO A 408 13.12 -7.31 10.38
C PRO A 408 13.36 -8.31 11.51
N SER A 409 14.55 -8.90 11.59
CA SER A 409 14.73 -9.91 12.62
C SER A 409 14.63 -9.30 14.01
N ASP A 410 15.00 -8.03 14.15
CA ASP A 410 14.90 -7.36 15.45
C ASP A 410 13.44 -7.07 15.78
N VAL A 411 12.73 -6.39 14.89
CA VAL A 411 11.38 -5.96 15.23
C VAL A 411 10.39 -7.11 15.29
N GLU A 412 10.62 -8.18 14.53
CA GLU A 412 9.76 -9.34 14.59
C GLU A 412 9.92 -10.08 15.91
N SER A 413 11.12 -10.07 16.46
CA SER A 413 11.40 -10.67 17.74
C SER A 413 10.93 -9.81 18.90
N GLN A 414 11.16 -8.50 18.81
CA GLN A 414 10.89 -7.61 19.92
C GLN A 414 9.46 -7.11 20.00
N SER A 415 8.77 -7.02 18.85
CA SER A 415 7.44 -6.45 18.84
C SER A 415 6.43 -7.31 18.09
N PRO A 416 6.41 -8.63 18.38
CA PRO A 416 5.53 -9.50 17.60
C PRO A 416 4.05 -9.18 17.73
N ASN A 417 3.64 -8.64 18.87
CA ASN A 417 2.24 -8.34 19.13
C ASN A 417 1.82 -6.97 18.67
N SER A 418 2.69 -6.29 17.95
CA SER A 418 2.28 -5.08 17.25
C SER A 418 1.10 -5.38 16.31
N TYR A 419 0.35 -4.35 16.00
CA TYR A 419 -0.82 -4.48 15.12
C TYR A 419 -1.18 -3.10 14.61
N VAL A 420 -1.99 -3.06 13.55
CA VAL A 420 -2.67 -1.84 13.13
C VAL A 420 -4.15 -2.19 13.00
N THR A 421 -5.01 -1.25 13.36
CA THR A 421 -6.44 -1.41 13.22
C THR A 421 -7.00 -0.23 12.44
N TYR A 422 -7.66 -0.56 11.32
CA TYR A 422 -8.36 0.41 10.47
C TYR A 422 -9.84 0.26 10.71
N SER A 423 -10.56 1.37 10.76
CA SER A 423 -12.00 1.24 11.01
C SER A 423 -12.76 2.45 10.44
N ASN A 424 -14.08 2.33 10.41
CA ASN A 424 -14.94 3.46 10.08
C ASN A 424 -14.59 4.13 8.77
N ILE A 425 -14.40 3.33 7.73
CA ILE A 425 -14.15 3.86 6.40
C ILE A 425 -15.39 4.59 5.90
N LYS A 426 -15.20 5.79 5.35
CA LYS A 426 -16.28 6.57 4.76
C LYS A 426 -15.78 7.19 3.47
N PHE A 427 -16.66 7.26 2.48
CA PHE A 427 -16.27 7.74 1.16
C PHE A 427 -17.43 8.50 0.54
N GLY A 428 -17.14 9.64 -0.08
CA GLY A 428 -18.18 10.38 -0.78
C GLY A 428 -17.67 11.68 -1.31
N PRO A 429 -18.59 12.60 -1.62
CA PRO A 429 -18.22 13.94 -2.09
C PRO A 429 -17.36 14.67 -1.08
N ILE A 430 -16.64 15.67 -1.57
CA ILE A 430 -15.88 16.55 -0.70
C ILE A 430 -16.77 17.07 0.43
N ASN A 431 -16.26 17.00 1.64
CA ASN A 431 -16.87 17.48 2.88
C ASN A 431 -17.98 16.58 3.41
N SER A 432 -18.21 15.44 2.77
CA SER A 432 -19.32 14.59 3.17
C SER A 432 -19.01 13.63 4.31
N THR A 433 -17.74 13.41 4.62
CA THR A 433 -17.36 12.35 5.57
C THR A 433 -17.02 12.85 6.97
N PHE A 434 -16.99 14.17 7.15
CA PHE A 434 -16.53 14.76 8.41
C PHE A 434 -17.10 16.16 8.54
N THR A 435 -16.86 16.81 9.67
CA THR A 435 -17.37 18.16 9.92
C THR A 435 -16.36 19.21 9.46
N ALA A 436 -16.54 19.71 8.24
CA ALA A 436 -15.62 20.66 7.64
C ALA A 436 -15.70 22.02 8.32
#